data_7F30
#
_entry.id   7F30
#
_cell.length_a   49.922
_cell.length_b   64.685
_cell.length_c   52.563
_cell.angle_alpha   90.00
_cell.angle_beta   90.49
_cell.angle_gamma   90.00
#
_symmetry.space_group_name_H-M   'P 1 21 1'
#
loop_
_entity.id
_entity.type
_entity.pdbx_description
1 polymer 'Phenylacetaldoxime dehydratase'
2 non-polymer 'PROTOPORPHYRIN IX CONTAINING FE'
3 non-polymer 'Z-2-(3-bromophenyl) propanal oxime'
4 water water
#
_entity_poly.entity_id   1
_entity_poly.type   'polypeptide(L)'
_entity_poly.pdbx_seq_one_letter_code
;MKNMPENHNPQANAWTAEFPPEMSYVVFAQIGIQSKSLDHAAEHLGMMKKSFDLRTGPKHVDRALHQGADGYQDSIFLAY
WDEPATFKSWVADPEVQKWWSGKKIDENSPIGYWSEVTTIPIDHFETLHSGENYDNGVSHFVPIKHTEVHEYWGAMRDRM
PVSASSDLESPLGLQLPEPIVRESFGKRLKVTAPDNICLIRTAQNWSKCGSGERETYIGLVEPTLIKANTFLRENASETG
CISSKLVYEQTHDGEIVDKSCVIGYYLSMGHLERWTHDHPTHKAIYGTFYEMLKRHDFKTELALWHEVSVLQSKDIELIY
VNCHPSTGFLPFFEVTEIQEPLLKSPSVRIQKLAAALEHHHHHH
;
_entity_poly.pdbx_strand_id   A
#
loop_
_chem_comp.id
_chem_comp.type
_chem_comp.name
_chem_comp.formula
0WQ non-polymer 'Z-2-(3-bromophenyl) propanal oxime' 'C9 H10 Br N O'
HEM non-polymer 'PROTOPORPHYRIN IX CONTAINING FE' 'C34 H32 Fe N4 O4'
#
# COMPACT_ATOMS: atom_id res chain seq x y z
N MET A 1 -17.64 7.12 -14.67
CA MET A 1 -17.88 6.30 -15.86
C MET A 1 -17.55 7.12 -17.12
N LYS A 2 -16.87 8.25 -16.89
CA LYS A 2 -16.47 9.13 -17.98
C LYS A 2 -15.54 8.43 -18.96
N ASN A 3 -14.70 7.52 -18.47
CA ASN A 3 -13.67 6.91 -19.30
C ASN A 3 -14.07 5.57 -19.86
N MET A 4 -15.25 5.06 -19.52
CA MET A 4 -15.67 3.77 -20.04
C MET A 4 -15.86 3.84 -21.55
N PRO A 5 -15.27 2.92 -22.31
CA PRO A 5 -15.46 2.93 -23.76
C PRO A 5 -16.87 2.53 -24.14
N GLU A 6 -17.34 3.07 -25.27
CA GLU A 6 -18.58 2.61 -25.86
C GLU A 6 -18.45 1.13 -26.22
N ASN A 7 -19.56 0.40 -26.10
CA ASN A 7 -19.58 -1.04 -26.36
C ASN A 7 -18.58 -1.78 -25.48
N HIS A 8 -18.50 -1.38 -24.21
CA HIS A 8 -17.54 -1.98 -23.30
C HIS A 8 -18.00 -3.38 -22.91
N ASN A 9 -17.19 -4.38 -23.18
CA ASN A 9 -17.46 -5.69 -22.61
C ASN A 9 -16.14 -6.32 -22.18
N PRO A 10 -15.92 -6.46 -20.88
CA PRO A 10 -14.63 -7.00 -20.41
C PRO A 10 -14.49 -8.47 -20.76
N GLN A 11 -13.26 -8.87 -21.07
CA GLN A 11 -12.94 -10.25 -21.37
C GLN A 11 -12.70 -11.10 -20.13
N ALA A 12 -12.58 -10.48 -18.95
CA ALA A 12 -12.38 -11.21 -17.70
C ALA A 12 -13.29 -10.64 -16.62
N ASN A 13 -13.71 -11.51 -15.70
CA ASN A 13 -14.48 -11.06 -14.55
C ASN A 13 -13.59 -10.30 -13.57
N ALA A 14 -14.22 -9.43 -12.79
CA ALA A 14 -13.52 -8.76 -11.71
C ALA A 14 -14.53 -8.37 -10.65
N TRP A 15 -14.03 -8.23 -9.42
CA TRP A 15 -14.83 -7.91 -8.25
C TRP A 15 -14.32 -6.63 -7.61
N THR A 16 -15.19 -6.01 -6.82
CA THR A 16 -14.90 -4.75 -6.18
C THR A 16 -15.62 -4.72 -4.83
N ALA A 17 -15.00 -4.07 -3.87
CA ALA A 17 -15.59 -3.94 -2.54
C ALA A 17 -16.92 -3.22 -2.61
N GLU A 18 -17.90 -3.68 -1.83
CA GLU A 18 -19.19 -3.02 -1.71
C GLU A 18 -19.35 -2.62 -0.25
N PHE A 19 -19.11 -1.35 0.06
CA PHE A 19 -19.08 -1.01 1.47
C PHE A 19 -20.49 -0.88 2.03
N PRO A 20 -20.71 -1.29 3.28
CA PRO A 20 -22.04 -1.17 3.87
C PRO A 20 -22.42 0.28 4.04
N PRO A 21 -23.72 0.59 4.05
CA PRO A 21 -24.16 1.98 4.19
C PRO A 21 -23.67 2.67 5.44
N GLU A 22 -23.54 1.93 6.55
CA GLU A 22 -23.12 2.54 7.81
C GLU A 22 -21.63 2.86 7.86
N MET A 23 -20.85 2.46 6.86
CA MET A 23 -19.40 2.58 6.90
CA MET A 23 -19.40 2.58 6.90
C MET A 23 -18.98 3.88 6.21
N SER A 24 -18.29 4.75 6.95
CA SER A 24 -17.87 6.03 6.39
C SER A 24 -16.38 6.13 6.11
N TYR A 25 -15.53 5.34 6.78
CA TYR A 25 -14.08 5.43 6.67
C TYR A 25 -13.46 4.05 6.79
N VAL A 26 -12.32 3.87 6.11
CA VAL A 26 -11.35 2.82 6.43
C VAL A 26 -10.14 3.48 7.06
N VAL A 27 -9.65 2.93 8.17
CA VAL A 27 -8.34 3.29 8.70
C VAL A 27 -7.38 2.21 8.28
N PHE A 28 -6.36 2.59 7.52
CA PHE A 28 -5.32 1.70 7.06
C PHE A 28 -4.01 2.20 7.65
N ALA A 29 -3.36 1.35 8.43
CA ALA A 29 -2.17 1.75 9.19
C ALA A 29 -1.02 0.84 8.80
N GLN A 30 0.09 1.44 8.38
CA GLN A 30 1.32 0.72 8.12
C GLN A 30 2.27 1.04 9.27
N ILE A 31 2.68 0.03 10.02
CA ILE A 31 3.55 0.20 11.18
C ILE A 31 4.78 -0.67 10.96
N GLY A 32 5.95 -0.04 11.05
CA GLY A 32 7.18 -0.70 10.63
C GLY A 32 8.28 -0.60 11.66
N ILE A 33 9.07 -1.68 11.75
CA ILE A 33 10.31 -1.70 12.51
C ILE A 33 11.45 -1.84 11.49
N GLN A 34 12.34 -0.86 11.48
CA GLN A 34 13.45 -0.80 10.53
C GLN A 34 14.71 -1.32 11.20
N SER A 35 15.40 -2.26 10.53
CA SER A 35 16.57 -2.90 11.14
C SER A 35 17.60 -3.26 10.08
N LYS A 36 18.81 -3.53 10.55
CA LYS A 36 19.84 -4.17 9.73
C LYS A 36 19.93 -5.66 10.00
N SER A 37 19.46 -6.11 11.16
CA SER A 37 19.36 -7.53 11.48
C SER A 37 17.98 -7.79 12.07
N LEU A 38 17.26 -8.76 11.51
CA LEU A 38 15.91 -9.03 12.00
C LEU A 38 15.90 -9.38 13.49
N ASP A 39 17.00 -9.96 14.00
CA ASP A 39 17.11 -10.24 15.43
C ASP A 39 16.75 -9.02 16.26
N HIS A 40 17.25 -7.85 15.89
CA HIS A 40 17.01 -6.63 16.67
C HIS A 40 15.54 -6.22 16.67
N ALA A 41 14.80 -6.57 15.62
CA ALA A 41 13.39 -6.21 15.54
C ALA A 41 12.50 -7.11 16.39
N ALA A 42 12.98 -8.29 16.80
CA ALA A 42 12.09 -9.34 17.27
C ALA A 42 11.33 -8.93 18.53
N GLU A 43 11.96 -8.19 19.44
CA GLU A 43 11.25 -7.79 20.65
C GLU A 43 10.09 -6.85 20.31
N HIS A 44 10.34 -5.84 19.49
CA HIS A 44 9.29 -4.89 19.14
C HIS A 44 8.13 -5.59 18.44
N LEU A 45 8.43 -6.59 17.60
CA LEU A 45 7.37 -7.24 16.82
C LEU A 45 6.47 -8.09 17.71
N GLY A 46 7.02 -8.70 18.76
CA GLY A 46 6.19 -9.44 19.69
C GLY A 46 5.22 -8.54 20.42
N MET A 47 5.70 -7.38 20.91
CA MET A 47 4.83 -6.47 21.63
C MET A 47 3.68 -6.00 20.75
N MET A 48 3.99 -5.69 19.49
CA MET A 48 2.96 -5.19 18.59
C MET A 48 1.96 -6.28 18.24
N LYS A 49 2.44 -7.52 18.04
CA LYS A 49 1.55 -8.60 17.63
C LYS A 49 0.56 -8.93 18.73
N LYS A 50 1.02 -8.96 19.99
CA LYS A 50 0.09 -9.14 21.10
C LYS A 50 -0.92 -7.99 21.20
N SER A 51 -0.59 -6.80 20.69
CA SER A 51 -1.54 -5.70 20.79
C SER A 51 -2.71 -5.87 19.84
N PHE A 52 -2.53 -6.58 18.72
CA PHE A 52 -3.56 -6.60 17.68
C PHE A 52 -4.80 -7.37 18.09
N ASP A 53 -4.75 -8.21 19.12
CA ASP A 53 -5.92 -8.99 19.50
C ASP A 53 -6.74 -8.34 20.61
N LEU A 54 -6.41 -7.11 20.99
CA LEU A 54 -7.32 -6.34 21.81
C LEU A 54 -8.68 -6.25 21.12
N ARG A 55 -9.71 -6.07 21.94
CA ARG A 55 -11.05 -5.96 21.38
C ARG A 55 -11.18 -4.78 20.43
N THR A 56 -10.42 -3.71 20.66
CA THR A 56 -10.34 -2.59 19.73
C THR A 56 -9.32 -2.81 18.59
N GLY A 57 -8.73 -3.99 18.49
CA GLY A 57 -7.74 -4.26 17.47
C GLY A 57 -8.32 -4.23 16.06
N PRO A 58 -7.45 -4.28 15.06
CA PRO A 58 -7.89 -4.13 13.67
C PRO A 58 -8.80 -5.27 13.24
N LYS A 59 -9.70 -4.96 12.29
CA LYS A 59 -10.50 -6.01 11.69
C LYS A 59 -9.64 -7.00 10.93
N HIS A 60 -8.52 -6.55 10.38
CA HIS A 60 -7.61 -7.44 9.66
C HIS A 60 -6.21 -6.86 9.69
N VAL A 61 -5.22 -7.72 9.79
CA VAL A 61 -3.84 -7.28 9.78
C VAL A 61 -3.02 -8.27 8.98
N ASP A 62 -2.21 -7.75 8.05
CA ASP A 62 -1.19 -8.52 7.35
C ASP A 62 0.18 -8.18 7.89
N ARG A 63 1.11 -9.10 7.69
CA ARG A 63 2.51 -8.92 8.03
C ARG A 63 3.32 -9.01 6.75
N ALA A 64 4.36 -8.19 6.62
CA ALA A 64 5.17 -8.24 5.41
C ALA A 64 6.59 -7.76 5.69
N LEU A 65 7.53 -8.21 4.84
CA LEU A 65 8.95 -7.89 4.96
C LEU A 65 9.40 -7.12 3.73
N HIS A 66 10.03 -5.96 3.95
CA HIS A 66 10.54 -5.09 2.91
C HIS A 66 12.06 -5.08 2.95
N GLN A 67 12.69 -5.37 1.81
CA GLN A 67 14.14 -5.23 1.64
C GLN A 67 14.42 -3.84 1.10
N GLY A 68 14.89 -2.95 1.95
CA GLY A 68 15.31 -1.65 1.48
C GLY A 68 16.73 -1.70 0.95
N ALA A 69 17.15 -0.60 0.34
CA ALA A 69 18.53 -0.50 -0.09
C ALA A 69 19.42 -0.22 1.12
N ASP A 70 20.73 -0.23 0.89
CA ASP A 70 21.72 -0.05 1.95
C ASP A 70 21.61 -1.13 3.02
N GLY A 71 20.96 -2.24 2.71
CA GLY A 71 20.88 -3.33 3.66
C GLY A 71 19.91 -3.15 4.83
N TYR A 72 19.08 -2.11 4.83
CA TYR A 72 18.04 -1.98 5.84
C TYR A 72 16.81 -2.79 5.42
N GLN A 73 16.15 -3.41 6.40
CA GLN A 73 14.86 -4.07 6.24
C GLN A 73 13.79 -3.34 7.04
N ASP A 74 12.54 -3.46 6.59
CA ASP A 74 11.37 -3.03 7.33
C ASP A 74 10.47 -4.23 7.55
N SER A 75 10.23 -4.55 8.82
CA SER A 75 9.21 -5.54 9.17
C SER A 75 7.93 -4.77 9.44
N ILE A 76 6.89 -5.04 8.65
CA ILE A 76 5.74 -4.13 8.56
C ILE A 76 4.47 -4.85 8.96
N PHE A 77 3.61 -4.16 9.70
CA PHE A 77 2.23 -4.59 9.88
C PHE A 77 1.32 -3.71 9.02
N LEU A 78 0.40 -4.36 8.30
CA LEU A 78 -0.63 -3.67 7.51
C LEU A 78 -1.98 -3.95 8.13
N ALA A 79 -2.54 -2.95 8.82
CA ALA A 79 -3.71 -3.14 9.67
C ALA A 79 -4.86 -2.27 9.21
N TYR A 80 -6.07 -2.81 9.31
CA TYR A 80 -7.29 -2.18 8.82
C TYR A 80 -8.30 -2.05 9.95
N TRP A 81 -8.92 -0.87 10.08
CA TRP A 81 -10.14 -0.72 10.85
C TRP A 81 -11.26 -0.19 9.97
N ASP A 82 -12.51 -0.50 10.32
CA ASP A 82 -13.65 0.08 9.63
C ASP A 82 -14.39 1.12 10.48
N GLU A 83 -13.81 1.53 11.60
CA GLU A 83 -14.36 2.59 12.45
C GLU A 83 -13.22 3.43 13.02
N PRO A 84 -13.08 4.68 12.61
CA PRO A 84 -12.01 5.51 13.20
C PRO A 84 -12.09 5.62 14.72
N ALA A 85 -13.30 5.65 15.29
CA ALA A 85 -13.42 5.70 16.75
C ALA A 85 -12.75 4.51 17.40
N THR A 86 -12.92 3.32 16.82
CA THR A 86 -12.34 2.11 17.40
C THR A 86 -10.83 2.13 17.29
N PHE A 87 -10.29 2.68 16.20
CA PHE A 87 -8.84 2.81 16.05
C PHE A 87 -8.27 3.76 17.09
N LYS A 88 -8.95 4.88 17.34
CA LYS A 88 -8.50 5.80 18.38
C LYS A 88 -8.48 5.12 19.74
N SER A 89 -9.48 4.27 20.01
CA SER A 89 -9.50 3.57 21.29
C SER A 89 -8.36 2.57 21.39
N TRP A 90 -8.00 1.95 20.27
CA TRP A 90 -6.86 1.04 20.24
C TRP A 90 -5.56 1.77 20.59
N VAL A 91 -5.33 2.91 19.95
CA VAL A 91 -4.09 3.65 20.18
C VAL A 91 -4.01 4.11 21.63
N ALA A 92 -5.16 4.39 22.26
CA ALA A 92 -5.18 4.86 23.64
C ALA A 92 -4.96 3.74 24.67
N ASP A 93 -5.15 2.49 24.29
CA ASP A 93 -4.95 1.37 25.21
C ASP A 93 -3.51 1.38 25.73
N PRO A 94 -3.31 1.12 27.03
CA PRO A 94 -1.94 1.20 27.57
C PRO A 94 -0.99 0.20 26.96
N GLU A 95 -1.49 -0.97 26.52
CA GLU A 95 -0.65 -1.94 25.84
C GLU A 95 -0.05 -1.33 24.57
N VAL A 96 -0.84 -0.53 23.84
CA VAL A 96 -0.35 0.09 22.62
C VAL A 96 0.56 1.27 22.92
N GLN A 97 0.20 2.07 23.93
CA GLN A 97 1.00 3.23 24.32
C GLN A 97 2.42 2.85 24.74
N LYS A 98 2.66 1.60 25.15
CA LYS A 98 4.00 1.21 25.55
C LYS A 98 5.00 1.31 24.39
N TRP A 99 4.53 1.16 23.16
CA TRP A 99 5.41 1.21 22.01
C TRP A 99 5.01 2.23 20.96
N TRP A 100 3.78 2.76 21.03
CA TRP A 100 3.26 3.62 19.96
C TRP A 100 4.19 4.79 19.72
N SER A 101 4.32 5.18 18.45
CA SER A 101 5.10 6.35 18.03
C SER A 101 6.57 6.23 18.42
N GLY A 102 7.10 5.01 18.45
CA GLY A 102 8.53 4.82 18.66
C GLY A 102 8.98 5.17 20.06
N LYS A 103 8.10 5.00 21.05
CA LYS A 103 8.41 5.40 22.41
C LYS A 103 9.54 4.57 23.01
N LYS A 104 9.69 3.33 22.58
CA LYS A 104 10.75 2.47 23.06
C LYS A 104 12.04 2.59 22.27
N ILE A 105 12.19 3.62 21.43
CA ILE A 105 13.38 3.76 20.58
C ILE A 105 14.31 4.81 21.18
N ASP A 106 15.60 4.47 21.25
CA ASP A 106 16.67 5.24 21.87
C ASP A 106 17.36 6.17 20.86
N GLU A 107 18.03 7.20 21.40
CA GLU A 107 18.81 8.12 20.55
C GLU A 107 19.89 7.39 19.74
N ASN A 108 20.47 6.31 20.26
CA ASN A 108 21.48 5.54 19.54
C ASN A 108 21.04 4.10 19.31
N SER A 109 19.75 3.92 19.01
CA SER A 109 19.19 2.58 18.84
C SER A 109 19.66 1.97 17.51
N PRO A 110 19.78 0.65 17.44
CA PRO A 110 20.03 -0.01 16.16
C PRO A 110 18.78 -0.16 15.29
N ILE A 111 17.60 0.06 15.85
CA ILE A 111 16.36 -0.07 15.09
C ILE A 111 15.63 1.27 15.03
N GLY A 112 14.86 1.43 13.96
CA GLY A 112 13.96 2.55 13.81
C GLY A 112 12.50 2.11 13.85
N TYR A 113 11.61 3.07 14.06
CA TYR A 113 10.17 2.86 14.09
C TYR A 113 9.52 3.83 13.13
N TRP A 114 8.53 3.37 12.38
CA TRP A 114 7.73 4.33 11.62
C TRP A 114 6.28 3.86 11.56
N SER A 115 5.39 4.81 11.30
CA SER A 115 3.98 4.51 11.13
C SER A 115 3.40 5.50 10.12
N GLU A 116 2.59 4.96 9.22
CA GLU A 116 1.86 5.76 8.24
C GLU A 116 0.40 5.36 8.40
N VAL A 117 -0.38 6.26 8.99
CA VAL A 117 -1.76 6.00 9.34
C VAL A 117 -2.62 6.87 8.42
N THR A 118 -3.39 6.23 7.57
CA THR A 118 -4.23 6.94 6.61
C THR A 118 -5.68 6.64 6.96
N THR A 119 -6.46 7.69 7.15
CA THR A 119 -7.89 7.56 7.41
C THR A 119 -8.61 7.91 6.11
N ILE A 120 -9.21 6.91 5.48
CA ILE A 120 -9.67 6.98 4.09
C ILE A 120 -11.18 7.17 4.10
N PRO A 121 -11.70 8.32 3.67
CA PRO A 121 -13.14 8.43 3.42
C PRO A 121 -13.57 7.48 2.32
N ILE A 122 -14.69 6.80 2.54
CA ILE A 122 -15.13 5.74 1.64
C ILE A 122 -15.33 6.25 0.21
N ASP A 123 -15.76 7.50 0.05
CA ASP A 123 -15.97 7.99 -1.32
C ASP A 123 -14.65 8.29 -2.04
N HIS A 124 -13.51 8.21 -1.35
CA HIS A 124 -12.18 8.32 -1.96
C HIS A 124 -11.45 6.98 -1.96
N PHE A 125 -12.18 5.87 -2.15
CA PHE A 125 -11.60 4.53 -1.99
C PHE A 125 -12.24 3.60 -3.02
N GLU A 126 -11.42 2.73 -3.61
CA GLU A 126 -11.91 1.71 -4.53
C GLU A 126 -10.97 0.53 -4.52
N THR A 127 -11.53 -0.68 -4.70
CA THR A 127 -10.74 -1.90 -4.86
C THR A 127 -11.11 -2.63 -6.14
N LEU A 128 -10.22 -3.51 -6.57
CA LEU A 128 -10.44 -4.37 -7.73
C LEU A 128 -9.82 -5.73 -7.43
N HIS A 129 -10.55 -6.79 -7.75
CA HIS A 129 -10.09 -8.15 -7.46
C HIS A 129 -10.30 -9.02 -8.69
N SER A 130 -9.27 -9.77 -9.05
CA SER A 130 -9.32 -10.65 -10.21
C SER A 130 -10.14 -11.89 -9.97
N GLY A 131 -10.40 -12.24 -8.70
CA GLY A 131 -11.28 -13.33 -8.38
C GLY A 131 -12.14 -12.98 -7.19
N GLU A 132 -13.15 -13.82 -6.94
CA GLU A 132 -14.06 -13.60 -5.81
C GLU A 132 -13.37 -14.09 -4.53
N ASN A 133 -12.35 -13.32 -4.12
CA ASN A 133 -11.47 -13.73 -3.04
C ASN A 133 -11.73 -12.90 -1.80
N TYR A 134 -12.01 -13.59 -0.70
CA TYR A 134 -12.32 -12.95 0.57
C TYR A 134 -11.09 -12.84 1.48
N ASP A 135 -9.90 -12.94 0.92
CA ASP A 135 -8.66 -12.77 1.66
C ASP A 135 -7.73 -11.76 0.94
N ASN A 136 -8.30 -10.61 0.55
CA ASN A 136 -7.59 -9.53 -0.17
C ASN A 136 -7.81 -8.23 0.60
N GLY A 137 -6.93 -7.90 1.55
CA GLY A 137 -7.12 -6.68 2.30
C GLY A 137 -8.50 -6.54 2.90
N VAL A 138 -9.23 -5.48 2.53
CA VAL A 138 -10.55 -5.22 3.12
C VAL A 138 -11.60 -6.24 2.72
N SER A 139 -11.35 -7.09 1.71
CA SER A 139 -12.31 -8.16 1.42
C SER A 139 -12.32 -9.23 2.51
N HIS A 140 -11.41 -9.16 3.50
CA HIS A 140 -11.50 -10.03 4.67
C HIS A 140 -12.75 -9.72 5.49
N PHE A 141 -13.24 -8.46 5.45
CA PHE A 141 -14.36 -8.06 6.29
C PHE A 141 -15.38 -7.17 5.56
N VAL A 142 -15.21 -6.94 4.27
CA VAL A 142 -16.19 -6.14 3.51
C VAL A 142 -16.68 -7.02 2.36
N PRO A 143 -17.97 -7.04 2.07
CA PRO A 143 -18.46 -7.82 0.92
C PRO A 143 -17.89 -7.29 -0.38
N ILE A 144 -17.76 -8.19 -1.36
CA ILE A 144 -17.34 -7.80 -2.70
C ILE A 144 -18.41 -8.26 -3.68
N LYS A 145 -18.45 -7.59 -4.82
CA LYS A 145 -19.44 -7.84 -5.85
C LYS A 145 -18.77 -7.77 -7.21
N HIS A 146 -19.40 -8.42 -8.18
CA HIS A 146 -18.98 -8.33 -9.55
C HIS A 146 -19.12 -6.91 -10.08
N THR A 147 -18.17 -6.50 -10.93
CA THR A 147 -18.20 -5.21 -11.59
C THR A 147 -17.68 -5.32 -13.02
N GLU A 148 -18.33 -4.60 -13.93
CA GLU A 148 -17.81 -4.44 -15.28
C GLU A 148 -16.90 -3.22 -15.40
N VAL A 149 -16.72 -2.47 -14.31
CA VAL A 149 -15.93 -1.25 -14.34
C VAL A 149 -14.45 -1.58 -14.19
N HIS A 150 -13.89 -2.23 -15.20
CA HIS A 150 -12.46 -2.51 -15.23
C HIS A 150 -12.09 -2.80 -16.67
N GLU A 151 -10.78 -3.02 -16.91
CA GLU A 151 -10.26 -3.42 -18.20
C GLU A 151 -10.29 -2.28 -19.21
N TYR A 152 -10.11 -1.06 -18.71
CA TYR A 152 -9.84 0.09 -19.57
C TYR A 152 -9.08 1.11 -18.74
N TRP A 153 -8.26 1.89 -19.42
CA TRP A 153 -7.55 2.96 -18.75
C TRP A 153 -8.53 4.02 -18.32
N GLY A 154 -8.51 4.37 -17.04
CA GLY A 154 -9.50 5.22 -16.43
C GLY A 154 -10.51 4.48 -15.58
N ALA A 155 -10.50 3.16 -15.59
CA ALA A 155 -11.47 2.41 -14.80
C ALA A 155 -11.27 2.64 -13.31
N MET A 156 -10.00 2.66 -12.86
CA MET A 156 -9.70 2.94 -11.46
C MET A 156 -10.35 4.26 -11.02
N ARG A 157 -10.10 5.32 -11.78
CA ARG A 157 -10.69 6.62 -11.45
C ARG A 157 -12.23 6.56 -11.45
N ASP A 158 -12.81 5.86 -12.43
CA ASP A 158 -14.27 5.73 -12.48
C ASP A 158 -14.84 4.97 -11.27
N ARG A 159 -14.10 3.98 -10.76
CA ARG A 159 -14.60 3.22 -9.61
C ARG A 159 -14.60 4.03 -8.33
N MET A 160 -13.85 5.13 -8.26
CA MET A 160 -13.78 5.93 -7.05
C MET A 160 -14.89 6.96 -7.11
N PRO A 161 -15.90 6.90 -6.22
CA PRO A 161 -17.09 7.78 -6.37
C PRO A 161 -16.80 9.26 -6.51
N VAL A 162 -15.86 9.82 -5.75
CA VAL A 162 -15.64 11.26 -5.78
C VAL A 162 -15.11 11.74 -7.11
N SER A 163 -14.59 10.86 -7.97
CA SER A 163 -14.07 11.36 -9.25
C SER A 163 -15.18 11.90 -10.14
N ALA A 164 -16.44 11.63 -9.84
CA ALA A 164 -17.53 12.23 -10.60
C ALA A 164 -17.61 13.73 -10.37
N SER A 165 -17.09 14.21 -9.25
CA SER A 165 -17.19 15.63 -8.90
C SER A 165 -15.84 16.30 -8.66
N SER A 166 -14.73 15.59 -8.73
CA SER A 166 -13.43 16.22 -8.53
C SER A 166 -12.41 15.63 -9.49
N ASP A 167 -11.51 16.49 -9.99
CA ASP A 167 -10.39 16.05 -10.82
CA ASP A 167 -10.42 16.01 -10.82
C ASP A 167 -9.29 15.37 -10.01
N LEU A 168 -9.31 15.50 -8.68
CA LEU A 168 -8.34 14.85 -7.79
C LEU A 168 -6.89 15.24 -8.11
N GLU A 169 -6.68 16.47 -8.60
CA GLU A 169 -5.33 16.94 -8.84
C GLU A 169 -4.69 17.47 -7.56
N SER A 170 -3.36 17.52 -7.56
CA SER A 170 -2.63 18.00 -6.38
C SER A 170 -2.58 19.52 -6.38
N PRO A 171 -2.64 20.16 -5.19
CA PRO A 171 -2.31 21.59 -5.12
C PRO A 171 -0.93 21.94 -5.63
N LEU A 172 0.04 21.04 -5.50
CA LEU A 172 1.40 21.31 -5.96
C LEU A 172 1.55 21.17 -7.48
N GLY A 173 0.48 20.87 -8.19
CA GLY A 173 0.57 20.81 -9.65
C GLY A 173 1.03 19.48 -10.18
N LEU A 174 1.89 19.52 -11.20
CA LEU A 174 2.30 18.31 -11.91
C LEU A 174 3.69 17.83 -11.56
N GLN A 175 4.50 18.64 -10.89
CA GLN A 175 5.92 18.34 -10.69
C GLN A 175 6.20 18.06 -9.22
N LEU A 176 6.45 16.80 -8.90
CA LEU A 176 6.92 16.46 -7.56
C LEU A 176 8.37 16.89 -7.41
N PRO A 177 8.74 17.61 -6.35
CA PRO A 177 10.13 18.04 -6.19
C PRO A 177 11.08 16.86 -6.14
N GLU A 178 12.35 17.13 -6.45
CA GLU A 178 13.39 16.12 -6.25
C GLU A 178 13.47 15.76 -4.77
N PRO A 179 13.77 14.50 -4.45
CA PRO A 179 13.91 14.14 -3.03
C PRO A 179 15.10 14.84 -2.41
N ILE A 180 14.96 15.24 -1.16
CA ILE A 180 16.05 15.86 -0.45
C ILE A 180 16.50 14.94 0.67
N VAL A 181 17.73 15.13 1.11
CA VAL A 181 18.37 14.32 2.14
C VAL A 181 18.29 15.08 3.45
N ARG A 182 17.63 14.49 4.42
CA ARG A 182 17.49 15.06 5.75
C ARG A 182 18.20 14.16 6.76
N GLU A 183 18.50 14.72 7.93
CA GLU A 183 19.23 14.02 8.98
C GLU A 183 18.26 13.31 9.92
N SER A 184 17.84 12.10 9.55
CA SER A 184 16.70 11.46 10.20
C SER A 184 17.07 10.46 11.29
N PHE A 185 18.22 9.79 11.18
CA PHE A 185 18.64 8.93 12.28
C PHE A 185 18.75 9.75 13.57
N GLY A 186 18.41 9.14 14.70
CA GLY A 186 18.48 9.86 15.95
C GLY A 186 17.35 10.86 16.21
N LYS A 187 16.34 10.96 15.34
CA LYS A 187 15.31 11.98 15.53
C LYS A 187 13.91 11.42 15.36
N ARG A 188 12.95 12.11 15.98
CA ARG A 188 11.52 11.84 15.86
C ARG A 188 10.96 12.89 14.93
N LEU A 189 10.54 12.47 13.74
CA LEU A 189 10.14 13.40 12.69
C LEU A 189 8.75 13.06 12.18
N LYS A 190 7.97 14.12 11.92
CA LYS A 190 6.64 14.03 11.35
C LYS A 190 6.66 14.75 10.02
N VAL A 191 6.12 14.13 8.97
CA VAL A 191 6.00 14.76 7.67
C VAL A 191 4.54 15.12 7.44
N THR A 192 4.30 16.34 6.93
CA THR A 192 2.99 16.79 6.53
C THR A 192 2.91 16.74 5.01
N ALA A 193 1.99 15.94 4.49
CA ALA A 193 1.81 15.75 3.06
C ALA A 193 0.79 16.73 2.50
N PRO A 194 0.85 17.01 1.21
CA PRO A 194 -0.19 17.83 0.58
C PRO A 194 -1.47 17.03 0.39
N ASP A 195 -2.55 17.77 0.04
CA ASP A 195 -3.85 17.18 -0.21
C ASP A 195 -3.85 16.40 -1.53
N ASN A 196 -4.69 15.37 -1.57
CA ASN A 196 -4.98 14.58 -2.78
C ASN A 196 -3.82 13.67 -3.22
N ILE A 197 -2.88 13.34 -2.32
CA ILE A 197 -1.95 12.28 -2.68
C ILE A 197 -2.73 10.97 -2.86
N CYS A 198 -2.16 10.06 -3.63
CA CYS A 198 -2.82 8.81 -3.95
C CYS A 198 -1.98 7.64 -3.45
N LEU A 199 -2.63 6.74 -2.73
CA LEU A 199 -2.02 5.54 -2.15
C LEU A 199 -2.57 4.29 -2.81
N ILE A 200 -1.69 3.41 -3.28
CA ILE A 200 -2.09 2.14 -3.87
C ILE A 200 -1.40 1.00 -3.12
N ARG A 201 -2.19 -0.02 -2.77
CA ARG A 201 -1.64 -1.32 -2.37
C ARG A 201 -2.05 -2.27 -3.48
N THR A 202 -1.10 -2.70 -4.31
CA THR A 202 -1.43 -3.62 -5.39
C THR A 202 -0.69 -4.93 -5.18
N ALA A 203 -1.44 -6.03 -5.18
CA ALA A 203 -1.00 -7.27 -4.57
C ALA A 203 -0.99 -8.44 -5.56
N GLN A 204 -0.09 -9.39 -5.29
CA GLN A 204 0.09 -10.60 -6.07
C GLN A 204 0.08 -11.80 -5.14
N ASN A 205 -0.64 -12.84 -5.52
CA ASN A 205 -0.85 -14.00 -4.65
C ASN A 205 -0.83 -15.25 -5.53
N TRP A 206 0.29 -15.94 -5.55
CA TRP A 206 0.43 -17.15 -6.36
C TRP A 206 0.35 -18.41 -5.50
N SER A 207 -0.23 -18.29 -4.29
CA SER A 207 -0.26 -19.38 -3.33
C SER A 207 -1.13 -20.54 -3.82
N LYS A 208 -2.19 -20.27 -4.57
CA LYS A 208 -3.01 -21.34 -5.10
C LYS A 208 -2.61 -21.77 -6.51
N CYS A 209 -1.55 -21.20 -7.08
CA CYS A 209 -1.14 -21.60 -8.42
C CYS A 209 -0.66 -23.05 -8.45
N GLY A 210 -1.01 -23.75 -9.52
CA GLY A 210 -0.36 -25.00 -9.78
C GLY A 210 1.13 -24.83 -10.06
N SER A 211 1.83 -25.96 -9.98
CA SER A 211 3.27 -25.99 -10.18
C SER A 211 3.71 -25.23 -11.44
N GLY A 212 3.03 -25.47 -12.56
CA GLY A 212 3.48 -24.87 -13.82
C GLY A 212 3.19 -23.39 -13.90
N GLU A 213 2.03 -22.96 -13.44
CA GLU A 213 1.70 -21.55 -13.37
C GLU A 213 2.65 -20.79 -12.44
N ARG A 214 3.01 -21.40 -11.32
CA ARG A 214 3.93 -20.75 -10.40
C ARG A 214 5.28 -20.50 -11.06
N GLU A 215 5.78 -21.51 -11.78
CA GLU A 215 7.03 -21.36 -12.54
C GLU A 215 6.95 -20.19 -13.51
N THR A 216 5.83 -20.03 -14.20
CA THR A 216 5.68 -18.89 -15.10
C THR A 216 5.67 -17.57 -14.35
N TYR A 217 4.88 -17.48 -13.26
CA TYR A 217 4.85 -16.22 -12.51
C TYR A 217 6.24 -15.83 -12.01
N ILE A 218 6.95 -16.76 -11.39
CA ILE A 218 8.25 -16.42 -10.82
C ILE A 218 9.30 -16.17 -11.90
N GLY A 219 9.24 -16.90 -13.02
CA GLY A 219 10.29 -16.75 -14.02
C GLY A 219 10.10 -15.62 -15.01
N LEU A 220 8.84 -15.28 -15.30
CA LEU A 220 8.52 -14.30 -16.33
C LEU A 220 7.94 -13.00 -15.78
N VAL A 221 6.98 -13.10 -14.87
CA VAL A 221 6.21 -11.91 -14.47
C VAL A 221 6.89 -11.19 -13.32
N GLU A 222 7.20 -11.91 -12.25
CA GLU A 222 7.79 -11.25 -11.08
C GLU A 222 9.03 -10.42 -11.40
N PRO A 223 9.96 -10.85 -12.27
CA PRO A 223 11.10 -9.97 -12.56
C PRO A 223 10.69 -8.60 -13.08
N THR A 224 9.61 -8.50 -13.87
CA THR A 224 9.17 -7.20 -14.36
C THR A 224 8.54 -6.37 -13.26
N LEU A 225 7.90 -7.02 -12.29
CA LEU A 225 7.41 -6.31 -11.11
C LEU A 225 8.58 -5.75 -10.30
N ILE A 226 9.60 -6.57 -10.05
CA ILE A 226 10.77 -6.08 -9.32
C ILE A 226 11.39 -4.88 -10.04
N LYS A 227 11.51 -4.96 -11.38
CA LYS A 227 12.10 -3.87 -12.14
C LYS A 227 11.24 -2.60 -12.05
N ALA A 228 9.92 -2.76 -12.14
CA ALA A 228 9.03 -1.60 -12.04
C ALA A 228 9.20 -0.89 -10.71
N ASN A 229 9.22 -1.65 -9.62
CA ASN A 229 9.32 -1.06 -8.29
C ASN A 229 10.65 -0.34 -8.10
N THR A 230 11.72 -0.93 -8.63
CA THR A 230 13.03 -0.28 -8.58
C THR A 230 13.02 1.03 -9.38
N PHE A 231 12.46 1.00 -10.59
CA PHE A 231 12.34 2.25 -11.34
C PHE A 231 11.62 3.32 -10.51
N LEU A 232 10.46 2.96 -9.96
CA LEU A 232 9.68 3.91 -9.19
C LEU A 232 10.49 4.49 -8.05
N ARG A 233 11.19 3.63 -7.30
CA ARG A 233 11.99 4.07 -6.15
C ARG A 233 13.08 5.03 -6.56
N GLU A 234 13.59 4.92 -7.77
CA GLU A 234 14.78 5.65 -8.18
C GLU A 234 14.47 6.88 -9.02
N ASN A 235 13.22 7.08 -9.41
CA ASN A 235 12.82 8.13 -10.34
C ASN A 235 11.57 8.82 -9.82
N ALA A 236 11.67 9.38 -8.62
CA ALA A 236 10.50 9.96 -7.95
C ALA A 236 9.99 11.19 -8.71
N SER A 237 10.87 12.12 -9.06
CA SER A 237 10.45 13.35 -9.74
C SER A 237 9.84 13.06 -11.10
N GLU A 238 10.51 12.22 -11.89
CA GLU A 238 10.00 11.90 -13.21
C GLU A 238 8.62 11.25 -13.14
N THR A 239 8.38 10.43 -12.12
CA THR A 239 7.14 9.67 -12.05
C THR A 239 6.05 10.31 -11.21
N GLY A 240 6.41 11.17 -10.26
CA GLY A 240 5.47 11.61 -9.24
C GLY A 240 5.25 10.60 -8.15
N CYS A 241 6.06 9.54 -8.11
CA CYS A 241 5.96 8.51 -7.07
C CYS A 241 6.80 8.94 -5.88
N ILE A 242 6.13 9.26 -4.77
CA ILE A 242 6.77 9.70 -3.54
C ILE A 242 7.54 8.56 -2.90
N SER A 243 6.97 7.36 -2.92
CA SER A 243 7.50 6.22 -2.18
C SER A 243 6.92 4.95 -2.78
N SER A 244 7.75 3.94 -2.94
CA SER A 244 7.30 2.65 -3.46
C SER A 244 8.04 1.53 -2.75
N LYS A 245 7.30 0.56 -2.22
CA LYS A 245 7.89 -0.58 -1.53
C LYS A 245 7.36 -1.87 -2.14
N LEU A 246 8.24 -2.81 -2.44
CA LEU A 246 7.83 -4.16 -2.78
C LEU A 246 8.03 -5.02 -1.54
N VAL A 247 6.97 -5.66 -1.07
CA VAL A 247 7.05 -6.39 0.18
C VAL A 247 6.54 -7.80 -0.02
N TYR A 248 7.06 -8.74 0.76
CA TYR A 248 6.65 -10.13 0.73
C TYR A 248 5.94 -10.46 2.03
N GLU A 249 4.75 -11.03 1.92
CA GLU A 249 3.89 -11.21 3.08
C GLU A 249 4.34 -12.42 3.88
N GLN A 250 4.01 -12.41 5.16
CA GLN A 250 4.51 -13.40 6.10
C GLN A 250 3.37 -13.99 6.93
N THR A 251 3.53 -15.26 7.30
CA THR A 251 2.75 -15.82 8.39
C THR A 251 3.01 -15.00 9.66
N HIS A 252 2.19 -15.21 10.69
CA HIS A 252 2.36 -14.34 11.84
C HIS A 252 3.46 -14.77 12.77
N ASP A 253 4.16 -15.86 12.48
CA ASP A 253 5.45 -16.11 13.11
C ASP A 253 6.63 -15.74 12.22
N GLY A 254 6.37 -15.22 11.02
CA GLY A 254 7.41 -14.63 10.18
C GLY A 254 7.78 -15.38 8.92
N GLU A 255 7.16 -16.53 8.63
CA GLU A 255 7.50 -17.26 7.41
C GLU A 255 6.96 -16.55 6.18
N ILE A 256 7.82 -16.36 5.18
CA ILE A 256 7.41 -15.71 3.93
C ILE A 256 6.53 -16.67 3.14
N VAL A 257 5.34 -16.21 2.77
CA VAL A 257 4.37 -16.97 1.99
C VAL A 257 4.46 -16.55 0.54
N ASP A 258 3.70 -17.21 -0.33
CA ASP A 258 3.70 -16.89 -1.75
C ASP A 258 2.73 -15.75 -2.07
N LYS A 259 3.00 -14.59 -1.46
CA LYS A 259 2.18 -13.40 -1.63
C LYS A 259 3.07 -12.19 -1.48
N SER A 260 2.80 -11.17 -2.29
CA SER A 260 3.54 -9.91 -2.21
C SER A 260 2.59 -8.78 -2.55
N CYS A 261 3.08 -7.55 -2.35
CA CYS A 261 2.38 -6.40 -2.87
C CYS A 261 3.35 -5.24 -2.97
N VAL A 262 2.99 -4.27 -3.81
CA VAL A 262 3.70 -3.00 -3.90
C VAL A 262 2.83 -1.97 -3.21
N ILE A 263 3.42 -1.20 -2.30
CA ILE A 263 2.72 -0.11 -1.64
C ILE A 263 3.37 1.18 -2.08
N GLY A 264 2.61 2.02 -2.77
CA GLY A 264 3.15 3.23 -3.32
C GLY A 264 2.28 4.45 -3.05
N TYR A 265 2.95 5.57 -2.85
CA TYR A 265 2.29 6.87 -2.75
C TYR A 265 2.71 7.73 -3.93
N TYR A 266 1.74 8.45 -4.48
CA TYR A 266 1.91 9.29 -5.67
C TYR A 266 1.36 10.67 -5.39
N LEU A 267 1.93 11.68 -6.08
CA LEU A 267 1.51 13.07 -5.87
C LEU A 267 0.02 13.27 -6.19
N SER A 268 -0.52 12.54 -7.17
CA SER A 268 -1.95 12.55 -7.46
C SER A 268 -2.29 11.22 -8.12
N MET A 269 -3.59 10.93 -8.22
CA MET A 269 -3.98 9.76 -8.99
C MET A 269 -3.51 9.87 -10.43
N GLY A 270 -3.44 11.10 -10.97
CA GLY A 270 -3.01 11.28 -12.34
C GLY A 270 -1.58 10.84 -12.59
N HIS A 271 -0.71 11.01 -11.61
CA HIS A 271 0.65 10.51 -11.79
C HIS A 271 0.67 8.99 -11.84
N LEU A 272 -0.07 8.34 -10.95
CA LEU A 272 -0.20 6.89 -10.99
C LEU A 272 -0.75 6.44 -12.33
N GLU A 273 -1.78 7.14 -12.84
CA GLU A 273 -2.39 6.78 -14.11
C GLU A 273 -1.40 6.86 -15.25
N ARG A 274 -0.67 7.97 -15.34
CA ARG A 274 0.23 8.15 -16.47
C ARG A 274 1.37 7.14 -16.43
N TRP A 275 1.86 6.80 -15.23
CA TRP A 275 2.89 5.76 -15.15
C TRP A 275 2.32 4.44 -15.61
N THR A 276 1.14 4.07 -15.11
CA THR A 276 0.56 2.77 -15.44
C THR A 276 0.24 2.66 -16.91
N HIS A 277 -0.27 3.73 -17.51
CA HIS A 277 -0.73 3.67 -18.89
C HIS A 277 0.40 3.85 -19.90
N ASP A 278 1.41 4.66 -19.58
CA ASP A 278 2.39 5.05 -20.58
C ASP A 278 3.79 4.53 -20.32
N HIS A 279 4.14 4.20 -19.09
CA HIS A 279 5.54 3.91 -18.89
C HIS A 279 5.88 2.48 -19.31
N PRO A 280 7.06 2.26 -19.88
CA PRO A 280 7.46 0.90 -20.28
C PRO A 280 7.45 -0.12 -19.17
N THR A 281 7.69 0.28 -17.91
CA THR A 281 7.83 -0.72 -16.86
C THR A 281 6.51 -1.41 -16.55
N HIS A 282 5.41 -0.67 -16.46
CA HIS A 282 4.14 -1.35 -16.26
C HIS A 282 3.67 -2.05 -17.52
N LYS A 283 4.03 -1.52 -18.69
CA LYS A 283 3.69 -2.20 -19.94
C LYS A 283 4.36 -3.58 -20.00
N ALA A 284 5.61 -3.68 -19.54
CA ALA A 284 6.26 -4.99 -19.52
C ALA A 284 5.56 -5.93 -18.55
N ILE A 285 5.05 -5.39 -17.43
CA ILE A 285 4.29 -6.21 -16.48
C ILE A 285 3.03 -6.74 -17.14
N TYR A 286 2.23 -5.82 -17.71
CA TYR A 286 1.00 -6.23 -18.39
C TYR A 286 1.32 -7.22 -19.51
N GLY A 287 2.41 -6.99 -20.24
CA GLY A 287 2.77 -7.91 -21.32
C GLY A 287 3.07 -9.32 -20.82
N THR A 288 3.92 -9.44 -19.79
CA THR A 288 4.25 -10.76 -19.28
C THR A 288 3.07 -11.42 -18.59
N PHE A 289 2.15 -10.63 -18.04
CA PHE A 289 0.92 -11.20 -17.50
C PHE A 289 0.09 -11.82 -18.61
N TYR A 290 -0.13 -11.07 -19.69
CA TYR A 290 -0.86 -11.61 -20.83
C TYR A 290 -0.15 -12.83 -21.42
N GLU A 291 1.17 -12.78 -21.53
CA GLU A 291 1.92 -13.96 -21.96
C GLU A 291 1.64 -15.14 -21.02
N MET A 292 1.57 -14.88 -19.72
CA MET A 292 1.24 -15.92 -18.74
C MET A 292 -0.18 -16.45 -18.94
N LEU A 293 -1.12 -15.56 -19.27
CA LEU A 293 -2.49 -16.03 -19.52
C LEU A 293 -2.55 -16.92 -20.75
N LYS A 294 -1.80 -16.60 -21.82
CA LYS A 294 -1.83 -17.41 -23.03
C LYS A 294 -1.34 -18.83 -22.76
N ARG A 295 -0.33 -18.96 -21.89
CA ARG A 295 0.26 -20.26 -21.61
C ARG A 295 -0.66 -21.18 -20.83
N HIS A 296 -1.65 -20.64 -20.13
CA HIS A 296 -2.50 -21.44 -19.25
C HIS A 296 -3.98 -21.27 -19.60
N ASP A 297 -4.27 -21.08 -20.89
CA ASP A 297 -5.63 -21.05 -21.42
C ASP A 297 -6.46 -19.92 -20.80
N PHE A 298 -5.80 -18.83 -20.41
CA PHE A 298 -6.47 -17.62 -19.93
C PHE A 298 -7.29 -17.89 -18.66
N LYS A 299 -7.03 -18.99 -17.97
CA LYS A 299 -7.67 -19.31 -16.70
C LYS A 299 -6.56 -19.52 -15.68
N THR A 300 -6.37 -18.53 -14.79
CA THR A 300 -5.26 -18.57 -13.85
C THR A 300 -5.75 -18.77 -12.42
N GLU A 301 -4.89 -19.38 -11.62
CA GLU A 301 -5.03 -19.39 -10.17
C GLU A 301 -4.27 -18.25 -9.51
N LEU A 302 -3.54 -17.43 -10.28
CA LEU A 302 -2.93 -16.23 -9.74
C LEU A 302 -4.01 -15.24 -9.31
N ALA A 303 -3.92 -14.76 -8.08
CA ALA A 303 -4.85 -13.77 -7.55
C ALA A 303 -4.19 -12.40 -7.54
N LEU A 304 -4.85 -11.43 -8.16
CA LEU A 304 -4.40 -10.05 -8.16
C LEU A 304 -5.49 -9.18 -7.58
N TRP A 305 -5.09 -8.11 -6.89
CA TRP A 305 -6.05 -7.14 -6.35
C TRP A 305 -5.31 -5.86 -5.99
N HIS A 306 -6.07 -4.78 -5.88
CA HIS A 306 -5.48 -3.57 -5.33
C HIS A 306 -6.50 -2.76 -4.56
N GLU A 307 -6.00 -1.91 -3.68
CA GLU A 307 -6.78 -0.90 -2.99
C GLU A 307 -6.15 0.45 -3.33
N VAL A 308 -6.96 1.40 -3.81
CA VAL A 308 -6.46 2.74 -4.13
C VAL A 308 -7.26 3.76 -3.34
N SER A 309 -6.55 4.70 -2.71
CA SER A 309 -7.20 5.78 -1.98
C SER A 309 -6.61 7.11 -2.38
N VAL A 310 -7.39 8.17 -2.18
CA VAL A 310 -6.94 9.54 -2.39
C VAL A 310 -7.13 10.28 -1.09
N LEU A 311 -6.05 10.89 -0.58
CA LEU A 311 -5.97 11.31 0.82
C LEU A 311 -5.83 12.82 0.95
N GLN A 312 -6.43 13.37 2.00
CA GLN A 312 -6.24 14.74 2.42
C GLN A 312 -5.08 14.82 3.42
N SER A 313 -4.45 15.99 3.48
CA SER A 313 -3.33 16.18 4.38
C SER A 313 -3.68 15.78 5.80
N LYS A 314 -4.87 16.14 6.28
CA LYS A 314 -5.24 15.87 7.67
C LYS A 314 -5.53 14.41 7.94
N ASP A 315 -5.72 13.60 6.90
CA ASP A 315 -6.01 12.18 7.04
C ASP A 315 -4.76 11.30 6.96
N ILE A 316 -3.55 11.87 6.92
CA ILE A 316 -2.31 11.09 6.79
C ILE A 316 -1.38 11.48 7.93
N GLU A 317 -1.12 10.55 8.83
CA GLU A 317 -0.20 10.77 9.94
C GLU A 317 1.07 9.97 9.67
N LEU A 318 2.17 10.68 9.49
CA LEU A 318 3.43 10.10 9.00
C LEU A 318 4.51 10.36 10.04
N ILE A 319 4.98 9.30 10.69
CA ILE A 319 5.89 9.41 11.83
C ILE A 319 7.09 8.50 11.59
N TYR A 320 8.29 9.05 11.73
CA TYR A 320 9.54 8.35 11.45
C TYR A 320 10.53 8.57 12.57
N VAL A 321 10.82 7.51 13.34
CA VAL A 321 11.65 7.59 14.53
C VAL A 321 12.91 6.79 14.27
N ASN A 322 14.03 7.51 14.14
CA ASN A 322 15.37 6.92 13.93
C ASN A 322 15.43 6.07 12.66
N CYS A 323 14.91 6.62 11.56
CA CYS A 323 14.80 5.89 10.31
C CYS A 323 15.78 6.45 9.28
N HIS A 324 16.12 5.57 8.33
CA HIS A 324 16.99 5.93 7.20
C HIS A 324 16.37 7.09 6.42
N PRO A 325 17.18 8.04 5.95
CA PRO A 325 16.62 9.24 5.30
C PRO A 325 15.80 8.98 4.05
N SER A 326 15.86 7.79 3.46
CA SER A 326 15.05 7.48 2.28
C SER A 326 13.75 6.76 2.62
N THR A 327 13.45 6.57 3.91
CA THR A 327 12.24 5.89 4.32
C THR A 327 11.00 6.74 4.00
N GLY A 328 10.10 6.20 3.20
CA GLY A 328 8.76 6.79 3.09
C GLY A 328 8.79 8.22 2.57
N PHE A 329 8.10 9.12 3.29
CA PHE A 329 7.95 10.52 2.91
C PHE A 329 9.08 11.41 3.39
N LEU A 330 10.04 10.86 4.15
CA LEU A 330 11.12 11.69 4.70
C LEU A 330 11.80 12.60 3.67
N PRO A 331 11.98 12.23 2.40
CA PRO A 331 12.63 13.15 1.45
C PRO A 331 11.75 14.26 0.91
N PHE A 332 10.51 14.43 1.39
CA PHE A 332 9.55 15.29 0.70
C PHE A 332 8.82 16.19 1.67
N PHE A 333 8.26 17.25 1.12
CA PHE A 333 7.25 18.08 1.78
C PHE A 333 7.82 18.69 3.08
N GLU A 334 6.98 18.85 4.09
CA GLU A 334 7.33 19.57 5.31
C GLU A 334 7.55 18.59 6.45
N VAL A 335 8.69 18.72 7.13
CA VAL A 335 9.00 17.86 8.26
C VAL A 335 8.96 18.70 9.52
N THR A 336 8.50 18.09 10.62
CA THR A 336 8.54 18.71 11.94
C THR A 336 9.11 17.71 12.93
N GLU A 337 10.00 18.19 13.80
CA GLU A 337 10.53 17.37 14.87
C GLU A 337 9.54 17.32 16.01
N ILE A 338 9.29 16.12 16.56
CA ILE A 338 8.35 15.92 17.66
C ILE A 338 9.11 15.80 18.97
N GLN A 339 8.60 16.47 20.01
CA GLN A 339 9.14 16.32 21.36
C GLN A 339 8.17 16.94 22.36
CHA HEM B . -4.18 -2.08 -13.87
CHB HEM B . -0.77 -0.01 -11.09
CHC HEM B . 1.52 -4.30 -10.81
CHD HEM B . -1.51 -6.13 -14.12
C1A HEM B . -3.51 -1.19 -13.05
C2A HEM B . -4.01 0.12 -12.62
C3A HEM B . -3.07 0.67 -11.86
C4A HEM B . -1.94 -0.23 -11.77
CMA HEM B . -3.16 2.06 -11.18
CAA HEM B . -5.40 0.73 -12.97
CBA HEM B . -5.28 1.66 -14.18
CGA HEM B . -6.66 2.16 -14.55
O1A HEM B . -6.74 3.28 -15.13
O2A HEM B . -7.67 1.48 -14.26
C1B HEM B . 0.17 -0.98 -10.77
C2B HEM B . 1.38 -0.78 -10.00
C3B HEM B . 1.98 -1.99 -9.92
C4B HEM B . 1.21 -2.96 -10.67
CMB HEM B . 1.80 0.56 -9.34
CAB HEM B . 3.30 -2.39 -9.23
CBB HEM B . 4.32 -1.55 -9.06
C1C HEM B . 0.86 -5.23 -11.61
C2C HEM B . 1.10 -6.67 -11.71
C3C HEM B . 0.25 -7.15 -12.63
C4C HEM B . -0.55 -6.05 -13.13
CMC HEM B . 2.17 -7.47 -10.90
CAC HEM B . 0.08 -8.60 -13.14
CBC HEM B . 0.86 -9.63 -12.83
C1D HEM B . -2.51 -5.20 -14.35
C2D HEM B . -3.71 -5.39 -15.16
C3D HEM B . -4.44 -4.26 -15.08
C4D HEM B . -3.75 -3.34 -14.23
CMD HEM B . -4.09 -6.65 -15.98
CAD HEM B . -5.80 -4.01 -15.76
CBD HEM B . -6.82 -4.31 -14.65
CGD HEM B . -8.26 -4.12 -15.06
O1D HEM B . -8.93 -5.15 -15.34
O2D HEM B . -8.75 -2.97 -15.08
NA HEM B . -2.25 -1.36 -12.52
NB HEM B . 0.11 -2.30 -11.17
NC HEM B . -0.14 -4.91 -12.49
ND HEM B . -2.57 -3.94 -13.81
FE HEM B . -1.14 -3.07 -12.62
C11 0WQ C . -4.95 -8.05 -13.20
C10 0WQ C . -6.28 -8.36 -13.24
C12 0WQ C . -4.46 -7.01 -12.40
C01 0WQ C . -5.24 -5.43 -9.33
C02 0WQ C . -4.81 -5.12 -10.76
C03 0WQ C . -3.29 -4.92 -10.92
C06 0WQ C . -5.33 -6.26 -11.63
C07 0WQ C . -6.67 -6.57 -11.65
C08 0WQ C . -7.12 -7.60 -12.45
N04 0WQ C . -2.61 -3.96 -10.44
O05 0WQ C . -3.14 -2.93 -9.63
BR9 0WQ C . -9.01 -8.03 -12.49
#